data_2JKM
#
_entry.id   2JKM
#
_cell.length_a   44.058
_cell.length_b   45.602
_cell.length_c   66.440
_cell.angle_alpha   90.00
_cell.angle_beta   95.39
_cell.angle_gamma   90.00
#
_symmetry.space_group_name_H-M   'P 1 21 1'
#
loop_
_entity.id
_entity.type
_entity.pdbx_description
1 polymer 'FOCAL ADHESION KINASE 1'
2 non-polymer 2-{[5-CHLORO-2-({(1E,4R)-2-METHOXY-4-[(3R)-3-(METHYLAMINO)PYRROLIDIN-1-YL]CYCLOHEXA-2,5-DIEN-1-YLIDENE}AMINO)PYRIMIDIN-4-YL]AMINO}-N-(1-METHYLETHYL)BENZENESULFONAMIDE
3 water water
#
_entity_poly.entity_id   1
_entity_poly.type   'polypeptide(L)'
_entity_poly.pdbx_seq_one_letter_code
;STRDYEIQRERIELGRCIGEGQFGDVHQGIYMSPENPAMAVAIKTCKNCTSDSVREKFLQEALTMRQFDHPHIVKLIGVI
TENPVWIIMELCTLGELRSFLQVRKYSLDLASLILYAYQLSTALAYLESKRFVHRDIAARNVLVSSNDCVKLGDFGLSRY
MEDSTYYKASKGKLPIKWMAPESINFRRFTSASDVWMFGVCMWEILMHGVKPFQGVKNNDVIGRIENGERLPMPPNCPPT
LYSLMTKCWAYDPSRRPRFTELKAQLSTILEEEKLQ
;
_entity_poly.pdbx_strand_id   A
#
# COMPACT_ATOMS: atom_id res chain seq x y z
N ARG A 3 -1.40 19.59 19.47
CA ARG A 3 -0.88 19.43 18.08
C ARG A 3 0.40 18.57 18.04
N ASP A 4 1.56 19.20 18.32
CA ASP A 4 2.90 18.58 18.51
C ASP A 4 3.05 17.06 18.33
N TYR A 5 3.80 16.68 17.29
CA TYR A 5 4.06 15.27 16.95
C TYR A 5 5.32 14.71 17.61
N GLU A 6 6.08 15.56 18.28
CA GLU A 6 7.30 15.15 18.98
C GLU A 6 7.04 14.25 20.19
N ILE A 7 7.58 13.04 20.13
CA ILE A 7 7.46 12.07 21.22
C ILE A 7 8.80 12.00 21.95
N GLN A 8 8.73 11.96 23.28
CA GLN A 8 9.88 11.67 24.14
C GLN A 8 10.37 10.21 23.97
N ARG A 9 11.68 10.02 23.79
CA ARG A 9 12.25 8.73 23.43
C ARG A 9 12.06 7.62 24.46
N GLU A 10 11.91 8.03 25.72
CA GLU A 10 11.75 7.13 26.87
C GLU A 10 10.35 6.50 26.87
N ARG A 11 9.45 7.03 26.05
CA ARG A 11 8.13 6.46 25.88
C ARG A 11 8.16 5.32 24.87
N ILE A 12 9.33 5.10 24.25
CA ILE A 12 9.44 4.06 23.23
C ILE A 12 10.32 2.92 23.69
N GLU A 13 9.78 1.71 23.62
CA GLU A 13 10.61 0.53 23.75
C GLU A 13 10.79 -0.18 22.41
N LEU A 14 12.01 -0.14 21.93
CA LEU A 14 12.41 -0.74 20.68
C LEU A 14 12.42 -2.25 20.79
N GLY A 15 11.70 -2.91 19.89
CA GLY A 15 11.65 -4.37 19.84
C GLY A 15 12.46 -4.93 18.67
N ARG A 16 12.02 -6.05 18.10
CA ARG A 16 12.79 -6.70 17.05
C ARG A 16 12.70 -5.99 15.69
N CYS A 17 13.80 -6.04 14.95
CA CYS A 17 13.80 -5.56 13.59
C CYS A 17 12.81 -6.41 12.77
N ILE A 18 11.91 -5.73 12.06
CA ILE A 18 10.91 -6.43 11.24
C ILE A 18 11.12 -6.20 9.75
N GLY A 19 12.18 -5.47 9.42
CA GLY A 19 12.46 -5.14 8.04
C GLY A 19 13.30 -3.90 7.89
N GLU A 20 13.15 -3.30 6.71
CA GLU A 20 14.04 -2.30 6.18
C GLU A 20 13.20 -1.34 5.34
N GLY A 21 13.37 -0.05 5.56
CA GLY A 21 12.94 0.96 4.60
C GLY A 21 14.14 1.41 3.77
N GLN A 22 13.92 2.42 2.93
CA GLN A 22 15.00 2.95 2.07
C GLN A 22 16.06 3.70 2.88
N PHE A 23 15.64 4.31 3.99
CA PHE A 23 16.55 5.05 4.86
C PHE A 23 17.14 4.22 6.01
N GLY A 24 16.55 3.07 6.31
CA GLY A 24 17.06 2.27 7.42
C GLY A 24 16.13 1.19 7.92
N ASP A 25 16.51 0.59 9.05
CA ASP A 25 15.77 -0.49 9.70
C ASP A 25 14.45 -0.03 10.29
N VAL A 26 13.45 -0.89 10.21
CA VAL A 26 12.15 -0.69 10.84
C VAL A 26 12.05 -1.74 11.95
N HIS A 27 11.67 -1.29 13.15
CA HIS A 27 11.51 -2.19 14.28
C HIS A 27 10.05 -2.21 14.67
N GLN A 28 9.66 -3.28 15.36
CA GLN A 28 8.40 -3.29 16.05
C GLN A 28 8.72 -2.85 17.46
N GLY A 29 7.71 -2.42 18.19
CA GLY A 29 7.93 -1.88 19.52
C GLY A 29 6.68 -1.36 20.16
N ILE A 30 6.88 -0.57 21.20
CA ILE A 30 5.80 -0.21 22.08
C ILE A 30 5.90 1.26 22.48
N TYR A 31 4.78 1.96 22.43
CA TYR A 31 4.69 3.33 22.89
C TYR A 31 4.00 3.28 24.23
N MET A 32 4.67 3.81 25.23
CA MET A 32 4.20 3.78 26.58
C MET A 32 3.80 5.17 27.02
N SER A 33 2.65 5.27 27.70
CA SER A 33 2.17 6.55 28.24
C SER A 33 1.51 6.34 29.61
N PRO A 34 1.49 7.40 30.45
CA PRO A 34 0.84 7.23 31.72
C PRO A 34 -0.64 6.86 31.60
N GLU A 35 -1.03 5.87 32.40
CA GLU A 35 -2.42 5.43 32.60
C GLU A 35 -3.04 4.22 31.83
N ASN A 36 -2.37 3.66 30.84
CA ASN A 36 -2.62 3.87 29.42
C ASN A 36 -2.06 2.50 29.04
N PRO A 37 -2.91 1.61 28.49
CA PRO A 37 -2.61 0.19 28.19
C PRO A 37 -1.19 -0.12 27.69
N ALA A 38 -0.68 0.68 26.75
CA ALA A 38 0.59 0.40 26.03
C ALA A 38 0.29 -0.06 24.62
N MET A 39 0.84 0.63 23.63
CA MET A 39 0.48 0.35 22.25
C MET A 39 1.63 -0.05 21.33
N ALA A 40 1.37 -1.04 20.49
CA ALA A 40 2.34 -1.57 19.58
C ALA A 40 2.49 -0.58 18.43
N VAL A 41 3.75 -0.30 18.06
CA VAL A 41 4.10 0.67 17.06
C VAL A 41 5.20 0.12 16.16
N ALA A 42 5.29 0.69 14.97
CA ALA A 42 6.42 0.44 14.08
C ALA A 42 7.32 1.65 14.22
N ILE A 43 8.61 1.38 14.28
CA ILE A 43 9.58 2.42 14.48
C ILE A 43 10.54 2.35 13.30
N LYS A 44 10.47 3.36 12.42
CA LYS A 44 11.38 3.50 11.31
C LYS A 44 12.60 4.29 11.76
N THR A 45 13.78 3.75 11.48
CA THR A 45 15.05 4.40 11.80
C THR A 45 15.76 4.85 10.53
N CYS A 46 16.77 5.69 10.72
CA CYS A 46 17.58 6.18 9.61
C CYS A 46 19.06 5.83 9.78
N LYS A 47 19.56 5.10 8.79
CA LYS A 47 20.98 4.75 8.53
C LYS A 47 22.08 5.74 8.94
N ASN A 48 22.77 6.24 7.91
CA ASN A 48 23.86 7.18 8.03
C ASN A 48 23.37 8.60 7.77
N CYS A 49 22.40 9.08 8.56
CA CYS A 49 21.99 10.47 8.41
C CYS A 49 22.74 11.37 9.37
N THR A 50 23.92 11.77 8.89
CA THR A 50 24.86 12.62 9.57
C THR A 50 24.81 13.99 8.88
N SER A 51 23.66 14.32 8.29
CA SER A 51 23.40 15.65 7.74
C SER A 51 21.91 15.98 7.71
N ASP A 52 21.61 17.27 7.74
CA ASP A 52 20.24 17.80 7.71
C ASP A 52 19.45 17.31 6.50
N SER A 53 20.09 17.33 5.34
CA SER A 53 19.45 16.97 4.07
C SER A 53 18.90 15.55 4.06
N VAL A 54 19.68 14.60 4.56
CA VAL A 54 19.25 13.19 4.66
C VAL A 54 18.12 13.05 5.68
N ARG A 55 18.26 13.79 6.77
CA ARG A 55 17.28 13.84 7.85
C ARG A 55 15.95 14.39 7.34
N GLU A 56 16.03 15.47 6.56
CA GLU A 56 14.87 16.14 5.97
C GLU A 56 14.13 15.21 5.00
N LYS A 57 14.89 14.46 4.21
CA LYS A 57 14.33 13.49 3.27
C LYS A 57 13.59 12.35 3.96
N PHE A 58 14.21 11.79 4.99
CA PHE A 58 13.65 10.73 5.80
C PHE A 58 12.38 11.16 6.53
N LEU A 59 12.42 12.35 7.11
CA LEU A 59 11.30 12.85 7.91
C LEU A 59 10.13 13.34 7.07
N GLN A 60 10.36 13.54 5.77
CA GLN A 60 9.32 13.94 4.82
C GLN A 60 8.14 12.98 4.84
N GLU A 61 8.44 11.69 4.95
CA GLU A 61 7.42 10.66 5.11
C GLU A 61 6.43 11.02 6.21
N ALA A 62 6.95 11.45 7.36
CA ALA A 62 6.15 11.83 8.52
C ALA A 62 5.31 13.05 8.18
N LEU A 63 5.95 14.02 7.52
CA LEU A 63 5.32 15.25 7.09
C LEU A 63 4.17 14.99 6.11
N THR A 64 4.38 14.03 5.22
CA THR A 64 3.34 13.59 4.28
C THR A 64 2.16 12.94 5.01
N MET A 65 2.45 12.08 5.97
CA MET A 65 1.42 11.30 6.65
C MET A 65 0.62 12.08 7.68
N ARG A 66 1.14 13.24 8.07
CA ARG A 66 0.43 14.22 8.90
C ARG A 66 -0.90 14.65 8.27
N GLN A 67 -0.93 14.65 6.94
CA GLN A 67 -2.08 15.13 6.16
C GLN A 67 -3.24 14.14 6.13
N PHE A 68 -2.94 12.87 6.36
CA PHE A 68 -3.91 11.80 6.13
C PHE A 68 -4.52 11.28 7.41
N ASP A 69 -5.83 11.11 7.37
CA ASP A 69 -6.59 10.53 8.46
C ASP A 69 -7.64 9.59 7.87
N HIS A 70 -7.23 8.35 7.60
CA HIS A 70 -8.12 7.34 7.04
C HIS A 70 -7.97 5.98 7.74
N PRO A 71 -9.09 5.25 7.92
CA PRO A 71 -9.05 3.89 8.50
C PRO A 71 -8.20 2.86 7.71
N HIS A 72 -7.99 3.10 6.42
CA HIS A 72 -7.17 2.16 5.65
C HIS A 72 -5.83 2.70 5.14
N ILE A 73 -5.28 3.65 5.91
CA ILE A 73 -3.97 4.23 5.65
C ILE A 73 -3.19 4.17 6.96
N VAL A 74 -1.93 3.75 6.90
CA VAL A 74 -1.10 3.65 8.10
C VAL A 74 -1.04 4.99 8.81
N LYS A 75 -1.24 4.96 10.13
CA LYS A 75 -1.32 6.15 10.95
C LYS A 75 0.03 6.55 11.57
N LEU A 76 0.38 7.84 11.38
CA LEU A 76 1.54 8.41 12.03
C LEU A 76 1.20 8.72 13.47
N ILE A 77 2.07 8.28 14.37
CA ILE A 77 1.91 8.56 15.78
C ILE A 77 2.79 9.72 16.23
N GLY A 78 4.06 9.71 15.83
CA GLY A 78 4.93 10.83 16.09
C GLY A 78 6.34 10.69 15.56
N VAL A 79 7.19 11.64 15.92
CA VAL A 79 8.58 11.67 15.50
C VAL A 79 9.48 12.00 16.69
N ILE A 80 10.73 11.54 16.60
CA ILE A 80 11.78 11.95 17.50
C ILE A 80 12.85 12.56 16.64
N THR A 81 13.08 13.87 16.80
CA THR A 81 13.92 14.61 15.85
C THR A 81 15.36 14.87 16.28
N GLU A 82 15.70 14.56 17.53
CA GLU A 82 17.12 14.48 17.92
C GLU A 82 17.69 13.09 17.61
N ASN A 83 18.99 13.02 17.37
CA ASN A 83 19.65 11.80 16.87
C ASN A 83 19.72 10.68 17.90
N PRO A 84 19.48 9.41 17.48
CA PRO A 84 18.98 8.97 16.17
C PRO A 84 17.48 9.25 15.93
N VAL A 85 17.21 9.79 14.75
CA VAL A 85 15.85 10.19 14.36
C VAL A 85 14.97 8.98 14.05
N TRP A 86 13.78 8.97 14.64
CA TRP A 86 12.81 7.88 14.43
C TRP A 86 11.45 8.39 14.00
N ILE A 87 10.75 7.58 13.20
CA ILE A 87 9.35 7.83 12.92
C ILE A 87 8.49 6.75 13.53
N ILE A 88 7.52 7.17 14.33
CA ILE A 88 6.68 6.23 15.03
C ILE A 88 5.32 6.13 14.33
N MET A 89 4.97 4.92 13.94
CA MET A 89 3.68 4.66 13.31
C MET A 89 2.91 3.58 14.07
N GLU A 90 1.63 3.44 13.76
CA GLU A 90 0.85 2.35 14.30
C GLU A 90 1.39 1.04 13.68
N LEU A 91 1.38 -0.02 14.47
CA LEU A 91 1.77 -1.32 13.98
C LEU A 91 0.57 -2.03 13.38
N CYS A 92 0.73 -2.55 12.17
CA CYS A 92 -0.26 -3.47 11.61
C CYS A 92 0.26 -4.85 11.94
N THR A 93 -0.35 -5.43 12.97
CA THR A 93 0.22 -6.53 13.71
C THR A 93 0.29 -7.83 12.91
N LEU A 94 -0.49 -7.96 11.84
CA LEU A 94 -0.44 -9.22 11.12
C LEU A 94 0.60 -9.19 9.99
N GLY A 95 1.23 -8.03 9.81
CA GLY A 95 2.33 -7.88 8.85
C GLY A 95 1.98 -7.60 7.40
N GLU A 96 2.82 -8.09 6.50
CA GLU A 96 2.70 -7.84 5.07
C GLU A 96 1.62 -8.69 4.42
N LEU A 97 0.89 -8.06 3.51
CA LEU A 97 -0.25 -8.68 2.84
C LEU A 97 0.11 -9.97 2.10
N ARG A 98 1.18 -9.94 1.31
CA ARG A 98 1.54 -11.07 0.47
C ARG A 98 1.79 -12.35 1.25
N SER A 99 2.57 -12.24 2.33
CA SER A 99 2.83 -13.36 3.22
C SER A 99 1.54 -13.87 3.83
N PHE A 100 0.72 -12.96 4.33
CA PHE A 100 -0.57 -13.29 4.91
C PHE A 100 -1.43 -14.09 3.94
N LEU A 101 -1.53 -13.61 2.69
CA LEU A 101 -2.33 -14.29 1.66
C LEU A 101 -1.80 -15.67 1.28
N GLN A 102 -0.49 -15.77 1.08
CA GLN A 102 0.18 -17.03 0.79
C GLN A 102 -0.07 -18.07 1.87
N VAL A 103 0.19 -17.67 3.12
CA VAL A 103 0.06 -18.50 4.31
C VAL A 103 -1.39 -18.93 4.60
N ARG A 104 -2.33 -18.03 4.34
CA ARG A 104 -3.72 -18.28 4.70
C ARG A 104 -4.59 -18.56 3.48
N LYS A 105 -4.01 -19.16 2.45
CA LYS A 105 -4.73 -19.46 1.22
C LYS A 105 -5.98 -20.32 1.41
N TYR A 106 -5.85 -21.40 2.19
CA TYR A 106 -6.98 -22.32 2.45
C TYR A 106 -7.89 -21.94 3.62
N SER A 107 -7.78 -20.71 4.10
CA SER A 107 -8.59 -20.29 5.22
C SER A 107 -9.24 -18.94 4.97
N LEU A 108 -8.99 -18.38 3.80
CA LEU A 108 -9.62 -17.12 3.40
C LEU A 108 -10.67 -17.39 2.35
N ASP A 109 -11.87 -16.84 2.55
CA ASP A 109 -12.89 -16.95 1.51
C ASP A 109 -12.75 -15.81 0.51
N LEU A 110 -13.39 -15.98 -0.64
CA LEU A 110 -13.33 -14.98 -1.71
C LEU A 110 -13.76 -13.59 -1.21
N ALA A 111 -14.81 -13.57 -0.37
CA ALA A 111 -15.36 -12.33 0.21
C ALA A 111 -14.32 -11.50 0.96
N SER A 112 -13.41 -12.15 1.69
CA SER A 112 -12.30 -11.46 2.35
C SER A 112 -11.32 -10.79 1.37
N LEU A 113 -11.03 -11.45 0.26
CA LEU A 113 -10.10 -10.91 -0.73
C LEU A 113 -10.68 -9.66 -1.36
N ILE A 114 -12.01 -9.65 -1.55
CA ILE A 114 -12.70 -8.53 -2.16
C ILE A 114 -12.74 -7.37 -1.17
N LEU A 115 -12.92 -7.71 0.11
CA LEU A 115 -12.93 -6.72 1.18
C LEU A 115 -11.66 -5.89 1.16
N TYR A 116 -10.51 -6.57 1.02
CA TYR A 116 -9.21 -5.92 1.01
C TYR A 116 -9.09 -4.96 -0.16
N ALA A 117 -9.62 -5.39 -1.31
CA ALA A 117 -9.65 -4.56 -2.50
C ALA A 117 -10.57 -3.36 -2.29
N TYR A 118 -11.80 -3.60 -1.83
CA TYR A 118 -12.69 -2.51 -1.47
C TYR A 118 -12.04 -1.52 -0.47
N GLN A 119 -11.43 -2.03 0.59
CA GLN A 119 -10.79 -1.19 1.60
C GLN A 119 -9.65 -0.33 1.05
N LEU A 120 -8.82 -0.93 0.20
CA LEU A 120 -7.72 -0.20 -0.41
C LEU A 120 -8.24 0.91 -1.33
N SER A 121 -9.34 0.64 -2.03
CA SER A 121 -9.97 1.62 -2.93
C SER A 121 -10.58 2.82 -2.19
N THR A 122 -11.02 2.61 -0.95
CA THR A 122 -11.50 3.74 -0.14
C THR A 122 -10.33 4.64 0.29
N ALA A 123 -9.18 4.03 0.54
CA ALA A 123 -7.98 4.79 0.92
C ALA A 123 -7.48 5.59 -0.26
N LEU A 124 -7.59 4.99 -1.44
CA LEU A 124 -7.11 5.61 -2.67
C LEU A 124 -8.04 6.72 -3.17
N ALA A 125 -9.34 6.53 -3.00
CA ALA A 125 -10.33 7.58 -3.27
C ALA A 125 -10.12 8.75 -2.32
N TYR A 126 -9.84 8.46 -1.06
CA TYR A 126 -9.43 9.48 -0.10
C TYR A 126 -8.19 10.26 -0.58
N LEU A 127 -7.16 9.54 -1.02
CA LEU A 127 -5.90 10.15 -1.45
C LEU A 127 -6.06 10.98 -2.73
N GLU A 128 -6.94 10.51 -3.61
CA GLU A 128 -7.32 11.22 -4.81
C GLU A 128 -7.82 12.62 -4.44
N SER A 129 -8.73 12.69 -3.46
CA SER A 129 -9.31 13.97 -3.02
C SER A 129 -8.31 14.92 -2.35
N LYS A 130 -7.15 14.40 -1.94
CA LYS A 130 -6.08 15.25 -1.41
C LYS A 130 -5.07 15.57 -2.52
N ARG A 131 -5.36 15.09 -3.73
CA ARG A 131 -4.43 15.17 -4.87
C ARG A 131 -3.08 14.60 -4.46
N PHE A 132 -3.11 13.44 -3.82
CA PHE A 132 -1.90 12.71 -3.55
C PHE A 132 -1.77 11.54 -4.53
N VAL A 133 -0.70 11.57 -5.31
CA VAL A 133 -0.35 10.47 -6.20
C VAL A 133 0.67 9.57 -5.50
N HIS A 134 0.26 8.32 -5.29
CA HIS A 134 1.05 7.37 -4.50
C HIS A 134 2.29 6.86 -5.22
N ARG A 135 2.10 6.38 -6.45
CA ARG A 135 3.17 5.99 -7.36
C ARG A 135 3.65 4.54 -7.23
N ASP A 136 3.27 3.86 -6.15
CA ASP A 136 3.62 2.46 -5.99
C ASP A 136 2.54 1.64 -5.27
N ILE A 137 1.41 1.44 -5.93
CA ILE A 137 0.32 0.65 -5.37
C ILE A 137 0.53 -0.79 -5.82
N ALA A 138 0.80 -1.64 -4.83
CA ALA A 138 1.27 -3.00 -5.04
C ALA A 138 1.09 -3.66 -3.70
N ALA A 139 0.84 -4.97 -3.69
CA ALA A 139 0.58 -5.69 -2.43
C ALA A 139 1.73 -5.62 -1.41
N ARG A 140 2.96 -5.40 -1.89
CA ARG A 140 4.14 -5.24 -1.05
C ARG A 140 4.04 -4.03 -0.12
N ASN A 141 3.11 -3.13 -0.43
CA ASN A 141 2.95 -1.88 0.31
C ASN A 141 1.64 -1.83 1.07
N VAL A 142 0.98 -2.99 1.11
CA VAL A 142 -0.20 -3.18 1.94
C VAL A 142 0.12 -4.03 3.17
N LEU A 143 -0.38 -3.57 4.32
CA LEU A 143 -0.17 -4.23 5.60
C LEU A 143 -1.50 -4.75 6.17
N VAL A 144 -1.43 -5.79 6.98
CA VAL A 144 -2.62 -6.38 7.60
C VAL A 144 -2.73 -5.97 9.08
N SER A 145 -3.78 -5.25 9.46
CA SER A 145 -4.01 -4.84 10.87
C SER A 145 -4.79 -5.91 11.60
N SER A 146 -5.78 -6.46 10.89
CA SER A 146 -6.49 -7.65 11.30
C SER A 146 -7.06 -8.38 10.08
N ASN A 147 -7.70 -9.51 10.34
CA ASN A 147 -8.32 -10.33 9.29
C ASN A 147 -9.26 -9.56 8.38
N ASP A 148 -9.89 -8.53 8.92
CA ASP A 148 -10.90 -7.78 8.22
C ASP A 148 -10.47 -6.33 7.97
N CYS A 149 -9.16 -6.11 7.90
CA CYS A 149 -8.62 -4.76 7.83
C CYS A 149 -7.22 -4.71 7.23
N VAL A 150 -7.10 -4.00 6.12
CA VAL A 150 -5.79 -3.70 5.54
C VAL A 150 -5.57 -2.19 5.48
N LYS A 151 -4.29 -1.82 5.40
CA LYS A 151 -3.88 -0.43 5.32
C LYS A 151 -2.74 -0.27 4.34
N LEU A 152 -2.82 0.80 3.56
CA LEU A 152 -1.79 1.20 2.61
C LEU A 152 -0.64 1.90 3.31
N GLY A 153 0.59 1.58 2.89
CA GLY A 153 1.79 2.31 3.32
C GLY A 153 2.51 3.04 2.20
N ASP A 154 3.75 3.47 2.48
CA ASP A 154 4.56 4.52 1.77
C ASP A 154 4.03 5.29 0.57
N PHE A 155 3.91 6.62 0.59
CA PHE A 155 4.19 7.62 1.66
C PHE A 155 5.60 8.24 1.85
N GLY A 156 6.66 7.44 1.88
CA GLY A 156 8.01 8.00 1.96
C GLY A 156 8.72 8.19 0.62
N LEU A 157 9.94 8.72 0.68
CA LEU A 157 10.78 8.96 -0.51
C LEU A 157 11.85 7.89 -0.73
N SER A 158 12.48 7.93 -1.90
CA SER A 158 13.65 7.08 -2.18
C SER A 158 14.92 7.55 -1.47
N ARG A 159 15.89 6.64 -1.36
CA ARG A 159 17.23 6.89 -0.78
C ARG A 159 17.23 7.10 0.74
N LEU A 174 12.62 0.87 -10.35
CA LEU A 174 11.34 1.05 -11.03
C LEU A 174 10.44 -0.21 -10.99
N PRO A 175 9.25 -0.11 -10.35
CA PRO A 175 8.26 -1.21 -10.30
C PRO A 175 7.57 -1.48 -11.64
N ILE A 176 8.36 -1.76 -12.68
CA ILE A 176 7.88 -1.92 -14.06
C ILE A 176 6.56 -2.69 -14.21
N LYS A 177 6.44 -3.83 -13.56
CA LYS A 177 5.31 -4.74 -13.78
C LYS A 177 4.00 -4.28 -13.12
N TRP A 178 4.03 -3.13 -12.45
CA TRP A 178 2.85 -2.56 -11.79
C TRP A 178 2.37 -1.26 -12.45
N MET A 179 3.21 -0.71 -13.33
CA MET A 179 3.08 0.65 -13.79
C MET A 179 2.22 0.77 -15.04
N ALA A 180 1.54 1.92 -15.15
CA ALA A 180 0.77 2.28 -16.32
C ALA A 180 1.73 2.54 -17.47
N PRO A 181 1.28 2.26 -18.72
CA PRO A 181 2.09 2.54 -19.90
C PRO A 181 2.67 3.96 -19.89
N GLU A 182 1.85 4.94 -19.49
CA GLU A 182 2.26 6.36 -19.50
C GLU A 182 3.30 6.69 -18.42
N SER A 183 3.32 5.89 -17.36
CA SER A 183 4.34 5.99 -16.32
C SER A 183 5.67 5.44 -16.84
N ILE A 184 5.60 4.32 -17.56
CA ILE A 184 6.81 3.68 -18.12
C ILE A 184 7.39 4.53 -19.23
N ASN A 185 6.56 4.94 -20.18
CA ASN A 185 7.03 5.66 -21.36
C ASN A 185 7.34 7.14 -21.15
N PHE A 186 6.50 7.82 -20.37
CA PHE A 186 6.57 9.27 -20.30
C PHE A 186 6.72 9.81 -18.89
N ARG A 187 7.25 8.98 -17.97
CA ARG A 187 7.39 9.33 -16.55
C ARG A 187 6.16 10.06 -16.00
N ARG A 188 4.98 9.74 -16.55
CA ARG A 188 3.73 10.34 -16.09
C ARG A 188 3.20 9.51 -14.93
N PHE A 189 3.02 10.15 -13.79
CA PHE A 189 2.37 9.53 -12.67
C PHE A 189 1.20 10.43 -12.25
N THR A 190 -0.01 9.89 -12.32
CA THR A 190 -1.22 10.62 -12.00
C THR A 190 -2.19 9.68 -11.29
N SER A 191 -3.40 10.18 -11.02
CA SER A 191 -4.47 9.37 -10.45
C SER A 191 -4.84 8.19 -11.34
N ALA A 192 -4.83 8.41 -12.66
CA ALA A 192 -5.15 7.35 -13.61
C ALA A 192 -4.08 6.25 -13.70
N SER A 193 -2.82 6.60 -13.43
CA SER A 193 -1.74 5.61 -13.43
C SER A 193 -1.76 4.81 -12.13
N ASP A 194 -2.22 5.45 -11.06
CA ASP A 194 -2.48 4.79 -9.78
C ASP A 194 -3.62 3.77 -9.88
N VAL A 195 -4.66 4.10 -10.67
CA VAL A 195 -5.77 3.18 -10.96
C VAL A 195 -5.30 1.90 -11.68
N TRP A 196 -4.44 2.07 -12.69
CA TRP A 196 -3.76 0.96 -13.35
C TRP A 196 -3.09 0.03 -12.33
N MET A 197 -2.33 0.63 -11.40
CA MET A 197 -1.53 -0.10 -10.39
C MET A 197 -2.46 -0.80 -9.41
N PHE A 198 -3.54 -0.13 -9.03
CA PHE A 198 -4.56 -0.76 -8.21
C PHE A 198 -5.13 -2.02 -8.87
N GLY A 199 -5.38 -1.97 -10.19
CA GLY A 199 -5.83 -3.15 -10.94
C GLY A 199 -4.90 -4.35 -10.81
N VAL A 200 -3.61 -4.08 -10.89
CA VAL A 200 -2.56 -5.08 -10.69
C VAL A 200 -2.51 -5.54 -9.24
N CYS A 201 -2.66 -4.61 -8.29
CA CYS A 201 -2.77 -4.93 -6.86
C CYS A 201 -3.93 -5.89 -6.58
N MET A 202 -5.09 -5.64 -7.20
CA MET A 202 -6.25 -6.54 -7.08
C MET A 202 -6.00 -7.93 -7.68
N TRP A 203 -5.22 -7.98 -8.77
CA TRP A 203 -4.83 -9.24 -9.36
C TRP A 203 -4.02 -10.01 -8.36
N GLU A 204 -3.01 -9.36 -7.77
CA GLU A 204 -2.19 -9.96 -6.72
C GLU A 204 -3.02 -10.51 -5.56
N ILE A 205 -3.99 -9.74 -5.08
CA ILE A 205 -4.86 -10.19 -3.99
C ILE A 205 -5.66 -11.45 -4.33
N LEU A 206 -6.33 -11.42 -5.48
CA LEU A 206 -7.07 -12.57 -5.99
C LEU A 206 -6.18 -13.78 -6.25
N MET A 207 -4.94 -13.52 -6.67
CA MET A 207 -3.89 -14.53 -6.86
C MET A 207 -3.20 -15.00 -5.57
N HIS A 208 -3.62 -14.47 -4.42
CA HIS A 208 -3.08 -14.85 -3.11
C HIS A 208 -1.60 -14.52 -2.92
N GLY A 209 -1.17 -13.40 -3.46
CA GLY A 209 0.21 -12.94 -3.25
C GLY A 209 1.21 -13.44 -4.25
N VAL A 210 0.74 -13.94 -5.39
CA VAL A 210 1.59 -14.28 -6.51
C VAL A 210 1.92 -12.99 -7.26
N LYS A 211 3.16 -12.87 -7.72
CA LYS A 211 3.64 -11.68 -8.42
C LYS A 211 3.15 -11.65 -9.86
N PRO A 212 2.82 -10.45 -10.39
CA PRO A 212 2.49 -10.34 -11.80
C PRO A 212 3.71 -10.60 -12.69
N PHE A 213 3.46 -11.23 -13.84
CA PHE A 213 4.49 -11.49 -14.85
C PHE A 213 5.73 -12.22 -14.33
N GLN A 214 5.53 -13.31 -13.60
CA GLN A 214 6.66 -14.13 -13.15
C GLN A 214 7.42 -14.71 -14.34
N GLY A 215 8.75 -14.76 -14.22
CA GLY A 215 9.62 -15.28 -15.28
C GLY A 215 9.63 -14.43 -16.54
N VAL A 216 9.08 -13.23 -16.45
CA VAL A 216 9.09 -12.27 -17.56
C VAL A 216 10.03 -11.11 -17.21
N LYS A 217 10.92 -10.76 -18.14
CA LYS A 217 11.86 -9.64 -17.95
C LYS A 217 11.14 -8.28 -17.98
N ASN A 218 11.64 -7.33 -17.21
CA ASN A 218 11.07 -5.98 -17.15
C ASN A 218 10.95 -5.30 -18.52
N ASN A 219 11.97 -5.46 -19.37
CA ASN A 219 11.97 -4.87 -20.70
C ASN A 219 11.04 -5.57 -21.68
N ASP A 220 10.63 -6.79 -21.33
CA ASP A 220 9.61 -7.52 -22.06
C ASP A 220 8.22 -6.91 -21.82
N VAL A 221 8.01 -6.41 -20.60
CA VAL A 221 6.69 -6.04 -20.10
C VAL A 221 5.94 -5.00 -20.95
N ILE A 222 6.61 -3.91 -21.32
CA ILE A 222 5.95 -2.88 -22.14
C ILE A 222 5.62 -3.39 -23.56
N GLY A 223 6.47 -4.26 -24.10
CA GLY A 223 6.21 -4.91 -25.38
C GLY A 223 4.88 -5.64 -25.33
N ARG A 224 4.74 -6.54 -24.36
CA ARG A 224 3.53 -7.34 -24.18
C ARG A 224 2.29 -6.49 -23.94
N ILE A 225 2.38 -5.50 -23.06
CA ILE A 225 1.24 -4.63 -22.72
C ILE A 225 0.72 -3.79 -23.90
N GLU A 226 1.62 -3.32 -24.75
CA GLU A 226 1.23 -2.51 -25.89
C GLU A 226 0.69 -3.38 -27.01
N ASN A 227 1.06 -4.65 -27.00
CA ASN A 227 0.46 -5.68 -27.84
C ASN A 227 -0.90 -6.15 -27.31
N GLY A 228 -1.42 -5.46 -26.29
CA GLY A 228 -2.76 -5.75 -25.77
C GLY A 228 -2.86 -6.85 -24.73
N GLU A 229 -1.75 -7.54 -24.48
CA GLU A 229 -1.67 -8.61 -23.48
C GLU A 229 -1.91 -8.10 -22.06
N ARG A 230 -2.80 -8.79 -21.34
CA ARG A 230 -3.14 -8.44 -19.97
C ARG A 230 -3.07 -9.67 -19.07
N LEU A 231 -2.78 -9.43 -17.79
CA LEU A 231 -2.80 -10.47 -16.78
C LEU A 231 -4.13 -11.22 -16.83
N PRO A 232 -4.08 -12.58 -16.86
CA PRO A 232 -5.26 -13.44 -17.01
C PRO A 232 -6.20 -13.39 -15.82
N MET A 233 -7.43 -13.85 -16.02
CA MET A 233 -8.43 -13.89 -14.94
C MET A 233 -8.05 -14.93 -13.90
N PRO A 234 -7.87 -14.50 -12.63
CA PRO A 234 -7.55 -15.43 -11.52
C PRO A 234 -8.61 -16.50 -11.36
N PRO A 235 -8.19 -17.76 -11.12
CA PRO A 235 -9.18 -18.82 -10.81
C PRO A 235 -10.10 -18.37 -9.68
N ASN A 236 -11.40 -18.65 -9.81
CA ASN A 236 -12.42 -18.24 -8.84
C ASN A 236 -12.51 -16.73 -8.55
N CYS A 237 -12.08 -15.90 -9.51
CA CYS A 237 -12.37 -14.46 -9.50
C CYS A 237 -13.69 -14.25 -10.24
N PRO A 238 -14.63 -13.47 -9.65
CA PRO A 238 -15.91 -13.25 -10.34
C PRO A 238 -15.75 -12.38 -11.61
N PRO A 239 -16.51 -12.70 -12.68
CA PRO A 239 -16.40 -11.99 -13.97
C PRO A 239 -16.59 -10.47 -13.89
N THR A 240 -17.63 -10.05 -13.15
CA THR A 240 -17.87 -8.63 -12.86
C THR A 240 -16.63 -7.93 -12.27
N LEU A 241 -15.81 -8.66 -11.52
CA LEU A 241 -14.60 -8.08 -10.92
C LEU A 241 -13.43 -8.02 -11.91
N TYR A 242 -13.17 -9.09 -12.64
CA TYR A 242 -12.15 -9.09 -13.69
C TYR A 242 -12.50 -8.06 -14.75
N SER A 243 -13.80 -7.85 -14.95
CA SER A 243 -14.31 -6.77 -15.81
C SER A 243 -13.91 -5.38 -15.30
N LEU A 244 -13.86 -5.22 -13.98
CA LEU A 244 -13.48 -3.97 -13.36
C LEU A 244 -11.98 -3.78 -13.48
N MET A 245 -11.24 -4.86 -13.28
CA MET A 245 -9.78 -4.90 -13.41
C MET A 245 -9.33 -4.48 -14.80
N THR A 246 -9.99 -5.05 -15.81
CA THR A 246 -9.65 -4.77 -17.21
C THR A 246 -9.88 -3.30 -17.56
N LYS A 247 -10.89 -2.68 -16.95
CA LYS A 247 -11.13 -1.25 -17.12
C LYS A 247 -10.02 -0.40 -16.50
N CYS A 248 -9.39 -0.93 -15.45
CA CYS A 248 -8.21 -0.30 -14.84
C CYS A 248 -7.02 -0.35 -15.78
N TRP A 249 -7.03 -1.34 -16.68
CA TRP A 249 -5.94 -1.54 -17.62
C TRP A 249 -6.22 -1.03 -19.05
N ALA A 250 -7.12 -0.07 -19.17
CA ALA A 250 -7.32 0.64 -20.44
C ALA A 250 -6.04 1.41 -20.71
N TYR A 251 -5.49 1.25 -21.92
CA TYR A 251 -4.30 1.98 -22.33
C TYR A 251 -4.49 3.51 -22.24
N ASP A 252 -5.66 3.96 -22.72
CA ASP A 252 -6.03 5.37 -22.70
C ASP A 252 -6.51 5.71 -21.30
N PRO A 253 -5.69 6.44 -20.52
CA PRO A 253 -5.94 6.72 -19.11
C PRO A 253 -7.28 7.43 -18.88
N SER A 254 -7.77 8.14 -19.90
CA SER A 254 -9.02 8.92 -19.81
C SER A 254 -10.28 8.06 -19.82
N ARG A 255 -10.09 6.74 -20.05
CA ARG A 255 -11.20 5.77 -20.06
C ARG A 255 -11.19 4.84 -18.84
N ARG A 256 -10.12 4.88 -18.05
CA ARG A 256 -10.04 4.13 -16.81
C ARG A 256 -11.01 4.76 -15.80
N PRO A 257 -11.64 3.93 -14.94
CA PRO A 257 -12.49 4.53 -13.92
C PRO A 257 -11.64 5.36 -12.95
N ARG A 258 -12.26 6.24 -12.18
CA ARG A 258 -11.55 6.82 -11.04
C ARG A 258 -11.90 6.07 -9.76
N PHE A 259 -11.12 6.27 -8.71
CA PHE A 259 -11.26 5.50 -7.47
C PHE A 259 -12.64 5.65 -6.82
N THR A 260 -13.33 6.73 -7.13
CA THR A 260 -14.70 6.98 -6.68
C THR A 260 -15.66 5.96 -7.30
N GLU A 261 -15.41 5.65 -8.57
CA GLU A 261 -16.17 4.67 -9.33
C GLU A 261 -15.88 3.27 -8.79
N LEU A 262 -14.59 2.90 -8.76
CA LEU A 262 -14.13 1.61 -8.28
C LEU A 262 -14.63 1.27 -6.89
N LYS A 263 -14.64 2.27 -6.01
CA LYS A 263 -15.12 2.10 -4.63
C LYS A 263 -16.61 1.65 -4.60
N ALA A 264 -17.42 2.29 -5.44
CA ALA A 264 -18.85 1.98 -5.57
C ALA A 264 -19.10 0.62 -6.25
N GLN A 265 -18.19 0.22 -7.15
CA GLN A 265 -18.34 -1.04 -7.88
C GLN A 265 -17.91 -2.22 -7.01
N LEU A 266 -16.76 -2.07 -6.37
CA LEU A 266 -16.24 -3.06 -5.44
C LEU A 266 -17.20 -3.29 -4.28
N SER A 267 -17.99 -2.28 -3.94
CA SER A 267 -18.99 -2.41 -2.89
C SER A 267 -20.09 -3.41 -3.29
N THR A 268 -20.66 -3.24 -4.49
CA THR A 268 -21.72 -4.15 -4.95
C THR A 268 -21.22 -5.59 -5.20
N ILE A 269 -20.00 -5.71 -5.75
CA ILE A 269 -19.35 -7.02 -5.95
C ILE A 269 -19.10 -7.74 -4.62
N LEU A 270 -18.61 -7.00 -3.63
CA LEU A 270 -18.40 -7.55 -2.29
C LEU A 270 -19.71 -8.05 -1.70
N GLU A 271 -20.74 -7.20 -1.73
CA GLU A 271 -22.03 -7.49 -1.13
C GLU A 271 -22.78 -8.62 -1.82
N GLU A 272 -22.57 -8.78 -3.13
CA GLU A 272 -23.15 -9.89 -3.88
C GLU A 272 -22.41 -11.20 -3.62
N GLU A 273 -21.16 -11.11 -3.17
CA GLU A 273 -20.37 -12.28 -2.80
C GLU A 273 -20.76 -12.80 -1.41
N LYS A 274 -21.02 -11.89 -0.48
CA LYS A 274 -21.48 -12.24 0.85
C LYS A 274 -22.94 -12.72 0.84
N LEU A 275 -23.64 -12.43 -0.26
CA LEU A 275 -25.01 -12.89 -0.46
C LEU A 275 -25.10 -14.23 -1.22
N GLN A 276 -23.95 -14.90 -1.35
CA GLN A 276 -23.89 -16.21 -2.01
C GLN A 276 -23.53 -16.07 -3.49
#